data_1WWJ
#
_entry.id   1WWJ
#
_cell.length_a   52.770
_cell.length_b   66.036
_cell.length_c   114.762
_cell.angle_alpha   90.00
_cell.angle_beta   90.00
_cell.angle_gamma   90.00
#
_symmetry.space_group_name_H-M   'P 21 21 21'
#
loop_
_entity.id
_entity.type
_entity.pdbx_description
1 polymer 'Circadian clock protein kaiB'
2 non-polymer D-MALATE
3 non-polymer 'TRIMETHYL GLYCINE'
4 non-polymer IMIDAZOLE
5 water water
#
_entity_poly.entity_id   1
_entity_poly.type   'polypeptide(L)'
_entity_poly.pdbx_seq_one_letter_code
;MSPFKKTYVLKLYVAGNTPNSVRALKMLKNILEQEFQGVYALKVIDVLKNPQLAEEDKILATPTLAKILPPPVRKIIGDL
SDREKVLIGLDLLYDEIREREAEDQ
;
_entity_poly.pdbx_strand_id   A,B,C,D
#
loop_
_chem_comp.id
_chem_comp.type
_chem_comp.name
_chem_comp.formula
BET non-polymer 'TRIMETHYL GLYCINE' 'C5 H12 N O2 1'
IMD non-polymer IMIDAZOLE 'C3 H5 N2 1'
MLT non-polymer D-MALATE 'C4 H6 O5'
#
# COMPACT_ATOMS: atom_id res chain seq x y z
N MET A 1 15.87 -11.57 -8.52
CA MET A 1 16.12 -10.10 -8.59
C MET A 1 16.49 -9.70 -10.02
N SER A 2 15.49 -9.67 -10.90
CA SER A 2 15.67 -9.31 -12.30
C SER A 2 15.43 -7.80 -12.47
N PRO A 3 16.50 -7.00 -12.55
CA PRO A 3 16.39 -5.54 -12.70
C PRO A 3 15.66 -5.06 -13.95
N PHE A 4 15.02 -3.90 -13.84
CA PHE A 4 14.26 -3.28 -14.92
C PHE A 4 13.02 -4.10 -15.30
N LYS A 5 12.39 -4.67 -14.28
CA LYS A 5 11.19 -5.47 -14.46
C LYS A 5 10.23 -5.15 -13.32
N LYS A 6 8.95 -4.99 -13.66
CA LYS A 6 7.95 -4.69 -12.66
C LYS A 6 7.56 -5.96 -11.90
N THR A 7 7.32 -5.79 -10.61
CA THR A 7 6.90 -6.88 -9.75
C THR A 7 6.42 -6.24 -8.44
N TYR A 8 5.91 -7.06 -7.52
CA TYR A 8 5.48 -6.52 -6.24
C TYR A 8 6.69 -6.39 -5.34
N VAL A 9 7.07 -5.15 -5.09
CA VAL A 9 8.21 -4.84 -4.27
C VAL A 9 7.78 -4.59 -2.82
N LEU A 10 8.32 -5.39 -1.90
CA LEU A 10 8.04 -5.21 -0.48
C LEU A 10 9.20 -4.33 -0.02
N LYS A 11 8.90 -3.08 0.31
CA LYS A 11 9.90 -2.13 0.75
C LYS A 11 9.91 -2.04 2.26
N LEU A 12 11.08 -2.25 2.84
CA LEU A 12 11.21 -2.17 4.29
C LEU A 12 12.13 -0.97 4.55
N TYR A 13 11.64 -0.01 5.34
CA TYR A 13 12.42 1.18 5.67
C TYR A 13 12.93 1.01 7.09
N VAL A 14 14.24 0.92 7.25
CA VAL A 14 14.84 0.72 8.56
C VAL A 14 15.72 1.88 9.02
N ALA A 15 15.89 1.96 10.34
CA ALA A 15 16.77 2.96 10.94
C ALA A 15 17.92 2.19 11.55
N GLY A 16 18.94 1.90 10.73
CA GLY A 16 20.07 1.15 11.22
C GLY A 16 20.04 -0.33 10.87
N ASN A 17 21.10 -1.02 11.26
CA ASN A 17 21.25 -2.46 11.00
C ASN A 17 21.85 -3.10 12.24
N THR A 18 21.37 -4.28 12.58
CA THR A 18 21.84 -5.03 13.73
C THR A 18 22.16 -6.42 13.21
N PRO A 19 22.89 -7.23 13.99
CA PRO A 19 23.23 -8.57 13.53
C PRO A 19 21.96 -9.35 13.20
N ASN A 20 20.97 -9.26 14.08
CA ASN A 20 19.73 -9.97 13.85
C ASN A 20 18.93 -9.42 12.66
N SER A 21 18.86 -8.10 12.49
CA SER A 21 18.10 -7.55 11.36
C SER A 21 18.75 -7.94 10.02
N VAL A 22 20.07 -7.88 9.96
CA VAL A 22 20.77 -8.25 8.74
C VAL A 22 20.47 -9.70 8.36
N ARG A 23 20.57 -10.62 9.33
CA ARG A 23 20.29 -12.02 9.02
C ARG A 23 18.83 -12.21 8.64
N ALA A 24 17.94 -11.50 9.34
CA ALA A 24 16.51 -11.58 9.06
C ALA A 24 16.17 -11.09 7.65
N LEU A 25 16.82 -10.02 7.20
CA LEU A 25 16.56 -9.49 5.86
C LEU A 25 17.03 -10.46 4.78
N LYS A 26 18.16 -11.10 5.00
CA LYS A 26 18.63 -12.06 3.99
C LYS A 26 17.68 -13.25 3.95
N MET A 27 17.14 -13.64 5.10
CA MET A 27 16.20 -14.75 5.16
C MET A 27 14.91 -14.33 4.43
N LEU A 28 14.49 -13.09 4.63
CA LEU A 28 13.28 -12.59 3.98
C LEU A 28 13.47 -12.59 2.45
N LYS A 29 14.62 -12.12 1.99
CA LYS A 29 14.90 -12.08 0.57
C LYS A 29 14.81 -13.47 -0.06
N ASN A 30 15.39 -14.45 0.63
CA ASN A 30 15.38 -15.83 0.14
C ASN A 30 13.99 -16.44 0.09
N ILE A 31 13.23 -16.30 1.17
CA ILE A 31 11.88 -16.86 1.17
C ILE A 31 11.01 -16.25 0.08
N LEU A 32 11.08 -14.93 -0.12
CA LEU A 32 10.27 -14.32 -1.17
C LEU A 32 10.61 -14.91 -2.54
N GLU A 33 11.89 -15.20 -2.76
CA GLU A 33 12.32 -15.78 -4.03
C GLU A 33 11.86 -17.23 -4.12
N GLN A 34 12.07 -17.97 -3.04
CA GLN A 34 11.68 -19.37 -2.97
C GLN A 34 10.20 -19.58 -3.33
N GLU A 35 9.31 -18.98 -2.54
CA GLU A 35 7.87 -19.12 -2.70
C GLU A 35 7.17 -18.40 -3.86
N PHE A 36 7.60 -17.19 -4.18
CA PHE A 36 6.94 -16.45 -5.24
C PHE A 36 7.75 -16.28 -6.53
N GLN A 37 8.93 -16.90 -6.56
CA GLN A 37 9.83 -16.86 -7.71
C GLN A 37 9.65 -15.71 -8.71
N GLY A 38 10.12 -14.52 -8.31
CA GLY A 38 10.03 -13.37 -9.18
C GLY A 38 8.87 -12.41 -8.94
N VAL A 39 7.73 -12.96 -8.52
CA VAL A 39 6.54 -12.16 -8.27
C VAL A 39 6.72 -11.13 -7.15
N TYR A 40 7.70 -11.34 -6.28
CA TYR A 40 8.00 -10.42 -5.20
C TYR A 40 9.49 -10.10 -5.19
N ALA A 41 9.82 -8.88 -4.79
CA ALA A 41 11.21 -8.45 -4.68
C ALA A 41 11.31 -7.67 -3.37
N LEU A 42 12.40 -7.84 -2.66
CA LEU A 42 12.60 -7.14 -1.41
C LEU A 42 13.52 -5.95 -1.67
N LYS A 43 13.15 -4.79 -1.13
CA LYS A 43 13.95 -3.58 -1.24
C LYS A 43 14.06 -3.00 0.16
N VAL A 44 15.28 -2.89 0.69
CA VAL A 44 15.47 -2.33 2.01
C VAL A 44 16.07 -0.93 1.89
N ILE A 45 15.43 0.03 2.55
CA ILE A 45 15.90 1.42 2.56
C ILE A 45 16.33 1.76 3.98
N ASP A 46 17.61 2.09 4.16
CA ASP A 46 18.16 2.46 5.46
C ASP A 46 18.22 3.99 5.48
N VAL A 47 17.40 4.62 6.32
CA VAL A 47 17.38 6.08 6.37
C VAL A 47 18.66 6.70 6.93
N LEU A 48 19.50 5.90 7.58
CA LEU A 48 20.76 6.42 8.10
C LEU A 48 21.74 6.55 6.94
N LYS A 49 21.37 6.00 5.78
CA LYS A 49 22.22 6.06 4.59
C LYS A 49 21.59 6.77 3.39
N ASN A 50 20.30 6.52 3.16
CA ASN A 50 19.58 7.15 2.06
C ASN A 50 18.22 7.61 2.60
N PRO A 51 18.22 8.67 3.41
CA PRO A 51 17.01 9.21 4.02
C PRO A 51 15.97 9.80 3.07
N GLN A 52 16.41 10.47 2.01
CA GLN A 52 15.46 11.07 1.08
C GLN A 52 14.71 10.02 0.27
N LEU A 53 13.39 9.95 0.49
CA LEU A 53 12.55 9.00 -0.22
C LEU A 53 12.38 9.37 -1.68
N ALA A 54 12.29 8.36 -2.53
CA ALA A 54 12.08 8.56 -3.95
C ALA A 54 10.62 8.96 -4.07
N GLU A 55 10.25 9.64 -5.14
CA GLU A 55 8.88 10.09 -5.35
C GLU A 55 7.80 9.03 -5.15
N GLU A 56 7.99 7.85 -5.73
CA GLU A 56 6.99 6.80 -5.64
C GLU A 56 7.03 6.08 -4.30
N ASP A 57 7.99 6.44 -3.46
CA ASP A 57 8.14 5.80 -2.16
C ASP A 57 7.23 6.41 -1.08
N LYS A 58 6.67 5.52 -0.27
CA LYS A 58 5.82 5.92 0.84
C LYS A 58 6.03 4.88 1.93
N ILE A 59 5.86 5.30 3.17
CA ILE A 59 6.04 4.39 4.27
C ILE A 59 4.75 4.31 5.07
N LEU A 60 4.23 3.10 5.25
CA LEU A 60 3.02 2.87 6.04
C LEU A 60 3.44 2.12 7.29
N ALA A 61 2.57 2.08 8.30
CA ALA A 61 2.87 1.40 9.57
C ALA A 61 2.90 -0.12 9.49
N THR A 62 3.85 -0.73 10.19
CA THR A 62 3.99 -2.18 10.23
C THR A 62 2.68 -2.86 10.65
N PRO A 63 2.12 -2.46 11.81
CA PRO A 63 0.87 -3.09 12.23
C PRO A 63 -0.29 -2.88 11.25
N THR A 64 -0.12 -1.95 10.32
CA THR A 64 -1.18 -1.67 9.34
C THR A 64 -1.03 -2.52 8.07
N LEU A 65 0.16 -2.54 7.49
CA LEU A 65 0.40 -3.27 6.25
C LEU A 65 0.86 -4.72 6.41
N ALA A 66 1.61 -5.02 7.46
CA ALA A 66 2.15 -6.37 7.65
C ALA A 66 1.15 -7.53 7.66
N LYS A 67 -0.07 -7.28 8.10
CA LYS A 67 -1.06 -8.35 8.15
C LYS A 67 -1.48 -8.95 6.80
N ILE A 68 -1.19 -8.26 5.69
CA ILE A 68 -1.57 -8.80 4.40
C ILE A 68 -0.47 -9.71 3.83
N LEU A 69 0.58 -9.93 4.61
CA LEU A 69 1.69 -10.77 4.16
C LEU A 69 1.62 -12.18 4.74
N PRO A 70 2.31 -13.15 4.11
CA PRO A 70 2.32 -14.54 4.57
C PRO A 70 2.81 -14.58 6.01
N PRO A 71 2.26 -15.49 6.85
CA PRO A 71 2.69 -15.57 8.24
C PRO A 71 4.21 -15.62 8.51
N PRO A 72 4.96 -16.44 7.76
CA PRO A 72 6.39 -16.42 8.07
C PRO A 72 7.08 -15.11 7.70
N VAL A 73 6.48 -14.34 6.79
CA VAL A 73 7.03 -13.04 6.43
C VAL A 73 6.67 -12.10 7.57
N ARG A 74 5.41 -12.16 7.99
CA ARG A 74 4.92 -11.32 9.09
C ARG A 74 5.77 -11.52 10.32
N LYS A 75 6.18 -12.77 10.54
CA LYS A 75 7.00 -13.13 11.68
C LYS A 75 8.31 -12.37 11.65
N ILE A 76 9.01 -12.41 10.52
CA ILE A 76 10.27 -11.71 10.39
C ILE A 76 10.07 -10.20 10.53
N ILE A 77 8.99 -9.67 9.95
CA ILE A 77 8.71 -8.23 10.05
C ILE A 77 8.43 -7.87 11.52
N GLY A 78 7.69 -8.73 12.22
CA GLY A 78 7.41 -8.49 13.62
C GLY A 78 8.71 -8.31 14.40
N ASP A 79 9.65 -9.24 14.22
CA ASP A 79 10.95 -9.18 14.90
C ASP A 79 11.68 -7.87 14.61
N LEU A 80 11.73 -7.48 13.33
CA LEU A 80 12.40 -6.26 12.93
C LEU A 80 11.80 -5.03 13.59
N SER A 81 10.48 -5.06 13.78
CA SER A 81 9.76 -3.95 14.37
C SER A 81 9.73 -3.91 15.90
N ASP A 82 9.50 -5.05 16.54
CA ASP A 82 9.41 -5.09 18.00
C ASP A 82 10.63 -5.61 18.77
N ARG A 83 11.46 -6.40 18.11
CA ARG A 83 12.67 -6.95 18.74
C ARG A 83 13.85 -6.04 18.43
N GLU A 84 14.24 -6.04 17.17
CA GLU A 84 15.37 -5.25 16.70
C GLU A 84 15.13 -3.74 16.75
N LYS A 85 13.86 -3.34 16.66
CA LYS A 85 13.49 -1.93 16.70
C LYS A 85 14.14 -1.11 15.59
N VAL A 86 14.42 -1.74 14.46
CA VAL A 86 15.03 -1.00 13.35
C VAL A 86 14.02 -0.64 12.25
N LEU A 87 12.92 -1.38 12.18
CA LEU A 87 11.89 -1.13 11.14
C LEU A 87 11.02 0.09 11.41
N ILE A 88 11.04 1.02 10.48
CA ILE A 88 10.23 2.23 10.59
C ILE A 88 8.82 1.93 10.07
N GLY A 89 8.78 1.29 8.91
CA GLY A 89 7.51 0.97 8.29
C GLY A 89 7.78 0.24 6.99
N LEU A 90 6.75 0.12 6.17
CA LEU A 90 6.90 -0.60 4.91
C LEU A 90 5.84 -0.23 3.90
N ASP A 91 5.94 -0.83 2.72
CA ASP A 91 4.95 -0.63 1.69
C ASP A 91 5.00 -1.81 0.73
N LEU A 92 3.92 -2.02 -0.02
CA LEU A 92 3.89 -3.10 -0.98
C LEU A 92 3.33 -2.46 -2.24
N LEU A 93 4.11 -2.45 -3.31
CA LEU A 93 3.63 -1.85 -4.55
C LEU A 93 4.28 -2.44 -5.78
N TYR A 94 3.55 -2.42 -6.88
CA TYR A 94 4.02 -2.93 -8.15
C TYR A 94 4.98 -1.87 -8.69
N ASP A 95 6.27 -2.17 -8.69
CA ASP A 95 7.22 -1.19 -9.16
C ASP A 95 8.40 -1.84 -9.85
N GLU A 96 9.27 -1.01 -10.42
CA GLU A 96 10.45 -1.49 -11.13
C GLU A 96 11.53 -1.93 -10.15
N ILE A 97 12.15 -3.06 -10.45
CA ILE A 97 13.21 -3.61 -9.62
C ILE A 97 14.54 -2.90 -9.88
N ARG A 98 14.99 -2.09 -8.92
CA ARG A 98 16.25 -1.37 -9.03
C ARG A 98 16.34 -0.51 -10.29
N GLU A 99 16.39 0.81 -10.13
CA GLU A 99 16.48 1.72 -11.27
C GLU A 99 17.62 1.35 -12.20
N LYS B 6 -10.82 23.81 10.84
CA LYS B 6 -9.77 22.81 10.96
C LYS B 6 -8.43 23.41 10.55
N THR B 7 -7.35 22.92 11.15
CA THR B 7 -6.03 23.41 10.83
C THR B 7 -5.24 22.29 10.14
N TYR B 8 -4.33 22.68 9.26
CA TYR B 8 -3.49 21.71 8.57
C TYR B 8 -2.30 21.47 9.47
N VAL B 9 -1.83 20.23 9.52
CA VAL B 9 -0.66 19.91 10.32
C VAL B 9 0.39 19.33 9.39
N LEU B 10 1.46 20.09 9.17
CA LEU B 10 2.54 19.64 8.31
C LEU B 10 3.53 18.81 9.14
N LYS B 11 3.61 17.52 8.83
CA LYS B 11 4.53 16.64 9.54
C LYS B 11 5.80 16.43 8.74
N LEU B 12 6.93 16.72 9.35
CA LEU B 12 8.23 16.54 8.73
C LEU B 12 8.98 15.39 9.41
N TYR B 13 9.22 14.32 8.68
CA TYR B 13 9.94 13.17 9.23
C TYR B 13 11.43 13.31 8.91
N VAL B 14 12.23 13.49 9.95
CA VAL B 14 13.65 13.68 9.75
C VAL B 14 14.48 12.58 10.39
N ALA B 15 15.67 12.39 9.82
CA ALA B 15 16.61 11.40 10.31
C ALA B 15 17.70 12.17 11.06
N GLY B 16 17.47 12.41 12.35
CA GLY B 16 18.44 13.13 13.14
C GLY B 16 18.41 14.63 12.92
N ASN B 17 19.44 15.30 13.43
CA ASN B 17 19.53 16.75 13.31
C ASN B 17 20.95 17.21 13.03
N THR B 18 21.09 18.47 12.63
CA THR B 18 22.37 19.09 12.34
C THR B 18 22.16 20.58 12.59
N PRO B 19 23.16 21.26 13.18
CA PRO B 19 23.05 22.69 13.46
C PRO B 19 22.27 23.49 12.42
N ASN B 20 22.51 23.22 11.14
CA ASN B 20 21.79 23.93 10.09
C ASN B 20 20.33 23.53 9.96
N SER B 21 20.06 22.22 9.97
CA SER B 21 18.69 21.75 9.85
C SER B 21 17.88 22.24 11.05
N VAL B 22 18.50 22.24 12.21
CA VAL B 22 17.85 22.67 13.45
C VAL B 22 17.48 24.15 13.32
N ARG B 23 18.34 24.89 12.62
CA ARG B 23 18.12 26.31 12.42
C ARG B 23 17.01 26.50 11.38
N ALA B 24 17.02 25.67 10.34
CA ALA B 24 16.02 25.77 9.29
C ALA B 24 14.62 25.43 9.81
N LEU B 25 14.53 24.46 10.71
CA LEU B 25 13.23 24.07 11.26
C LEU B 25 12.66 25.20 12.09
N LYS B 26 13.49 25.83 12.91
CA LYS B 26 13.03 26.93 13.73
C LYS B 26 12.49 28.05 12.86
N MET B 27 13.17 28.30 11.74
CA MET B 27 12.75 29.34 10.80
C MET B 27 11.39 28.97 10.25
N LEU B 28 11.23 27.72 9.85
CA LEU B 28 9.97 27.25 9.32
C LEU B 28 8.86 27.47 10.34
N LYS B 29 9.12 27.05 11.58
CA LYS B 29 8.13 27.20 12.64
C LYS B 29 7.67 28.65 12.77
N ASN B 30 8.62 29.56 12.93
CA ASN B 30 8.30 30.96 13.08
C ASN B 30 7.53 31.51 11.87
N ILE B 31 7.93 31.11 10.66
CA ILE B 31 7.24 31.59 9.47
C ILE B 31 5.78 31.12 9.45
N LEU B 32 5.55 29.88 9.87
CA LEU B 32 4.19 29.35 9.91
C LEU B 32 3.37 30.05 10.98
N GLU B 33 4.01 30.35 12.11
CA GLU B 33 3.32 31.01 13.21
C GLU B 33 3.00 32.48 12.96
N GLN B 34 3.89 33.18 12.27
CA GLN B 34 3.65 34.58 11.99
C GLN B 34 2.82 34.79 10.72
N GLU B 35 3.11 34.04 9.67
CA GLU B 35 2.39 34.18 8.41
C GLU B 35 1.13 33.31 8.26
N PHE B 36 1.18 32.06 8.69
CA PHE B 36 0.01 31.19 8.54
C PHE B 36 -0.52 30.63 9.84
N GLN B 37 -0.59 31.45 10.88
CA GLN B 37 -1.09 30.97 12.17
C GLN B 37 -2.51 30.42 12.01
N GLY B 38 -2.80 29.33 12.71
CA GLY B 38 -4.11 28.72 12.64
C GLY B 38 -4.36 28.02 11.32
N VAL B 39 -3.49 28.27 10.34
CA VAL B 39 -3.61 27.66 9.02
C VAL B 39 -2.78 26.39 8.95
N TYR B 40 -1.47 26.55 9.08
CA TYR B 40 -0.55 25.42 9.07
C TYR B 40 0.15 25.30 10.40
N ALA B 41 0.24 24.07 10.90
CA ALA B 41 0.91 23.80 12.16
C ALA B 41 2.10 22.91 11.82
N LEU B 42 3.19 23.06 12.54
CA LEU B 42 4.36 22.22 12.27
C LEU B 42 4.57 21.18 13.35
N LYS B 43 4.87 19.96 12.90
CA LYS B 43 5.15 18.85 13.80
C LYS B 43 6.36 18.15 13.22
N VAL B 44 7.38 17.95 14.04
CA VAL B 44 8.60 17.31 13.59
C VAL B 44 8.84 15.98 14.26
N ILE B 45 9.01 14.95 13.44
CA ILE B 45 9.28 13.62 13.96
C ILE B 45 10.68 13.20 13.56
N ASP B 46 11.49 12.93 14.57
CA ASP B 46 12.85 12.46 14.36
C ASP B 46 12.74 10.95 14.49
N VAL B 47 12.70 10.27 13.35
CA VAL B 47 12.58 8.82 13.35
C VAL B 47 13.73 8.13 14.09
N LEU B 48 14.85 8.83 14.26
CA LEU B 48 15.97 8.24 14.96
C LEU B 48 15.71 8.13 16.48
N LYS B 49 14.75 8.89 16.98
CA LYS B 49 14.40 8.84 18.39
C LYS B 49 13.15 7.98 18.53
N ASN B 50 12.31 8.02 17.50
CA ASN B 50 11.07 7.26 17.47
C ASN B 50 10.90 6.65 16.07
N PRO B 51 11.61 5.54 15.79
CA PRO B 51 11.59 4.83 14.51
C PRO B 51 10.26 4.19 14.07
N GLN B 52 9.55 3.57 15.01
CA GLN B 52 8.29 2.91 14.68
C GLN B 52 7.11 3.84 14.41
N LEU B 53 6.64 3.85 13.18
CA LEU B 53 5.51 4.66 12.78
C LEU B 53 4.26 4.18 13.48
N ALA B 54 3.40 5.11 13.87
CA ALA B 54 2.14 4.73 14.51
C ALA B 54 1.22 4.19 13.42
N GLU B 55 0.25 3.39 13.83
CA GLU B 55 -0.71 2.78 12.90
C GLU B 55 -1.38 3.73 11.90
N GLU B 56 -1.70 4.94 12.34
CA GLU B 56 -2.38 5.90 11.48
C GLU B 56 -1.46 6.90 10.79
N ASP B 57 -0.15 6.71 10.92
CA ASP B 57 0.81 7.62 10.29
C ASP B 57 1.27 7.09 8.94
N LYS B 58 1.80 8.01 8.14
CA LYS B 58 2.32 7.66 6.84
C LYS B 58 3.35 8.71 6.46
N ILE B 59 4.42 8.26 5.80
CA ILE B 59 5.46 9.18 5.37
C ILE B 59 5.39 9.19 3.85
N LEU B 60 5.22 10.37 3.27
CA LEU B 60 5.16 10.47 1.82
C LEU B 60 6.43 11.16 1.33
N ALA B 61 6.88 10.82 0.12
CA ALA B 61 8.08 11.44 -0.42
C ALA B 61 7.84 12.95 -0.50
N THR B 62 8.84 13.72 -0.11
CA THR B 62 8.76 15.18 -0.11
C THR B 62 8.21 15.85 -1.37
N PRO B 63 8.73 15.49 -2.55
CA PRO B 63 8.31 16.05 -3.84
C PRO B 63 6.82 16.19 -4.13
N THR B 64 6.03 15.17 -3.81
CA THR B 64 4.59 15.23 -4.07
C THR B 64 3.85 16.32 -3.33
N LEU B 65 3.97 16.31 -2.01
CA LEU B 65 3.28 17.29 -1.18
C LEU B 65 3.98 18.65 -1.15
N ALA B 66 5.28 18.65 -1.34
CA ALA B 66 6.06 19.88 -1.31
C ALA B 66 5.51 20.95 -2.26
N LYS B 67 5.24 20.56 -3.49
CA LYS B 67 4.74 21.49 -4.51
C LYS B 67 3.43 22.21 -4.19
N ILE B 68 2.65 21.68 -3.27
CA ILE B 68 1.37 22.33 -2.94
C ILE B 68 1.40 23.19 -1.68
N LEU B 69 2.59 23.41 -1.11
CA LEU B 69 2.73 24.24 0.10
C LEU B 69 3.14 25.66 -0.27
N PRO B 70 2.89 26.64 0.61
CA PRO B 70 3.27 28.03 0.29
C PRO B 70 4.74 28.15 -0.09
N PRO B 71 5.06 29.03 -1.05
CA PRO B 71 6.42 29.28 -1.53
C PRO B 71 7.51 29.27 -0.46
N PRO B 72 7.35 30.07 0.60
CA PRO B 72 8.37 30.08 1.66
C PRO B 72 8.57 28.70 2.30
N VAL B 73 7.46 27.98 2.49
CA VAL B 73 7.53 26.65 3.09
C VAL B 73 8.22 25.68 2.17
N ARG B 74 7.88 25.72 0.88
CA ARG B 74 8.51 24.84 -0.09
C ARG B 74 10.02 25.05 -0.05
N LYS B 75 10.42 26.30 0.10
CA LYS B 75 11.82 26.69 0.15
C LYS B 75 12.56 25.94 1.26
N ILE B 76 12.18 26.21 2.51
CA ILE B 76 12.82 25.58 3.66
C ILE B 76 12.84 24.05 3.57
N ILE B 77 11.84 23.47 2.92
CA ILE B 77 11.79 22.03 2.78
C ILE B 77 12.90 21.53 1.85
N GLY B 78 13.25 22.35 0.86
CA GLY B 78 14.33 21.97 -0.04
C GLY B 78 15.65 21.92 0.69
N ASP B 79 15.85 22.83 1.64
CA ASP B 79 17.09 22.89 2.42
C ASP B 79 17.26 21.61 3.23
N LEU B 80 16.22 21.28 3.98
CA LEU B 80 16.24 20.07 4.81
C LEU B 80 16.46 18.83 3.95
N SER B 81 15.83 18.82 2.78
CA SER B 81 15.92 17.68 1.87
C SER B 81 17.21 17.61 1.03
N ASP B 82 17.44 18.61 0.19
CA ASP B 82 18.60 18.64 -0.69
C ASP B 82 19.95 19.06 -0.13
N ARG B 83 19.97 20.01 0.80
CA ARG B 83 21.24 20.46 1.36
C ARG B 83 21.62 19.76 2.65
N GLU B 84 20.74 19.80 3.64
CA GLU B 84 21.04 19.16 4.91
C GLU B 84 20.85 17.65 4.83
N LYS B 85 20.08 17.21 3.84
CA LYS B 85 19.82 15.79 3.63
C LYS B 85 19.36 15.05 4.88
N VAL B 86 18.48 15.65 5.68
CA VAL B 86 17.98 15.02 6.88
C VAL B 86 16.48 14.70 6.72
N LEU B 87 15.84 15.35 5.75
CA LEU B 87 14.41 15.13 5.52
C LEU B 87 14.10 13.85 4.76
N ILE B 88 13.32 12.99 5.40
CA ILE B 88 12.94 11.71 4.82
C ILE B 88 11.70 11.92 3.96
N GLY B 89 10.67 12.47 4.59
CA GLY B 89 9.42 12.71 3.89
C GLY B 89 8.53 13.57 4.75
N LEU B 90 7.26 13.64 4.38
CA LEU B 90 6.32 14.46 5.13
C LEU B 90 4.89 13.98 4.98
N ASP B 91 3.98 14.66 5.64
CA ASP B 91 2.57 14.34 5.56
C ASP B 91 1.84 15.60 5.94
N LEU B 92 0.64 15.76 5.40
CA LEU B 92 -0.19 16.92 5.67
C LEU B 92 -1.45 16.39 6.34
N LEU B 93 -1.60 16.68 7.62
CA LEU B 93 -2.76 16.23 8.39
C LEU B 93 -3.85 17.29 8.38
N TYR B 94 -5.10 16.86 8.37
CA TYR B 94 -6.23 17.78 8.37
C TYR B 94 -6.74 17.92 9.81
N ASP B 95 -5.92 17.48 10.75
CA ASP B 95 -6.24 17.54 12.17
C ASP B 95 -7.46 16.70 12.50
N GLU B 96 -7.48 16.17 13.72
CA GLU B 96 -8.58 15.34 14.20
C GLU B 96 -9.86 16.13 14.40
N MET C 1 -4.24 20.68 -15.20
CA MET C 1 -4.99 20.16 -16.35
C MET C 1 -4.04 19.66 -17.42
N SER C 2 -2.86 19.21 -16.99
CA SER C 2 -1.80 18.69 -17.85
C SER C 2 -0.79 19.79 -18.16
N PRO C 3 0.35 19.44 -18.79
CA PRO C 3 0.76 18.09 -19.21
C PRO C 3 1.01 17.10 -18.07
N PHE C 4 -0.07 16.47 -17.61
CA PHE C 4 -0.03 15.47 -16.55
C PHE C 4 0.43 15.97 -15.17
N LYS C 5 -0.50 15.94 -14.24
CA LYS C 5 -0.26 16.37 -12.86
C LYS C 5 0.08 15.16 -12.00
N LYS C 6 1.19 15.24 -11.28
CA LYS C 6 1.61 14.14 -10.41
C LYS C 6 0.92 14.31 -9.06
N THR C 7 0.36 13.21 -8.55
CA THR C 7 -0.35 13.27 -7.28
C THR C 7 -0.67 11.86 -6.79
N TYR C 8 -1.10 11.74 -5.55
CA TYR C 8 -1.48 10.43 -5.06
C TYR C 8 -2.87 10.21 -5.61
N VAL C 9 -3.19 8.97 -5.93
CA VAL C 9 -4.51 8.64 -6.45
C VAL C 9 -5.17 7.70 -5.44
N LEU C 10 -6.31 8.11 -4.91
CA LEU C 10 -7.05 7.25 -3.98
C LEU C 10 -8.02 6.51 -4.87
N LYS C 11 -7.89 5.19 -4.89
CA LYS C 11 -8.72 4.34 -5.72
C LYS C 11 -9.72 3.59 -4.88
N LEU C 12 -11.01 3.74 -5.20
CA LEU C 12 -12.05 3.01 -4.47
C LEU C 12 -12.66 1.96 -5.40
N TYR C 13 -12.64 0.70 -4.97
CA TYR C 13 -13.24 -0.36 -5.78
C TYR C 13 -14.62 -0.65 -5.20
N VAL C 14 -15.65 -0.42 -6.02
CA VAL C 14 -17.03 -0.59 -5.60
C VAL C 14 -17.82 -1.68 -6.32
N ALA C 15 -18.79 -2.24 -5.60
CA ALA C 15 -19.66 -3.28 -6.14
C ALA C 15 -20.97 -2.62 -6.57
N GLY C 16 -20.93 -1.93 -7.71
CA GLY C 16 -22.11 -1.26 -8.20
C GLY C 16 -22.19 0.17 -7.67
N ASN C 17 -23.24 0.89 -8.08
CA ASN C 17 -23.46 2.27 -7.66
C ASN C 17 -24.92 2.48 -7.30
N THR C 18 -25.18 3.09 -6.15
CA THR C 18 -26.55 3.36 -5.71
C THR C 18 -26.74 4.88 -5.62
N PRO C 19 -27.99 5.34 -5.44
CA PRO C 19 -28.18 6.78 -5.34
C PRO C 19 -27.27 7.39 -4.27
N ASN C 20 -27.21 6.75 -3.11
CA ASN C 20 -26.39 7.22 -2.00
C ASN C 20 -24.88 7.26 -2.31
N SER C 21 -24.32 6.14 -2.75
CA SER C 21 -22.88 6.10 -3.04
C SER C 21 -22.49 7.14 -4.09
N VAL C 22 -23.36 7.36 -5.07
CA VAL C 22 -23.09 8.34 -6.11
C VAL C 22 -22.93 9.71 -5.45
N ARG C 23 -23.86 10.04 -4.56
CA ARG C 23 -23.82 11.33 -3.89
C ARG C 23 -22.60 11.43 -2.98
N ALA C 24 -22.29 10.33 -2.29
CA ALA C 24 -21.15 10.31 -1.38
C ALA C 24 -19.85 10.48 -2.17
N LEU C 25 -19.73 9.77 -3.28
CA LEU C 25 -18.54 9.88 -4.13
C LEU C 25 -18.39 11.29 -4.66
N LYS C 26 -19.53 11.95 -4.88
CA LYS C 26 -19.55 13.32 -5.37
C LYS C 26 -18.90 14.19 -4.30
N MET C 27 -19.40 14.09 -3.08
CA MET C 27 -18.86 14.86 -1.96
C MET C 27 -17.39 14.56 -1.75
N LEU C 28 -17.03 13.28 -1.76
CA LEU C 28 -15.64 12.88 -1.55
C LEU C 28 -14.79 13.62 -2.57
N LYS C 29 -15.27 13.64 -3.81
CA LYS C 29 -14.55 14.31 -4.88
C LYS C 29 -14.34 15.81 -4.60
N ASN C 30 -15.38 16.51 -4.17
CA ASN C 30 -15.22 17.94 -3.89
C ASN C 30 -14.19 18.16 -2.78
N ILE C 31 -14.26 17.32 -1.75
CA ILE C 31 -13.33 17.42 -0.63
C ILE C 31 -11.88 17.38 -1.09
N LEU C 32 -11.52 16.33 -1.81
CA LEU C 32 -10.15 16.17 -2.31
C LEU C 32 -9.70 17.26 -3.26
N GLU C 33 -10.62 17.77 -4.08
CA GLU C 33 -10.27 18.81 -5.04
C GLU C 33 -10.34 20.23 -4.48
N GLN C 34 -10.35 20.33 -3.16
CA GLN C 34 -10.42 21.63 -2.50
C GLN C 34 -9.55 21.63 -1.26
N GLU C 35 -9.96 20.84 -0.26
CA GLU C 35 -9.21 20.73 0.97
C GLU C 35 -7.84 20.13 0.71
N PHE C 36 -7.77 19.21 -0.25
CA PHE C 36 -6.52 18.57 -0.59
C PHE C 36 -6.19 18.63 -2.07
N GLN C 37 -6.19 19.86 -2.60
CA GLN C 37 -5.87 20.10 -4.00
C GLN C 37 -4.40 19.78 -4.27
N GLY C 38 -4.16 18.77 -5.09
CA GLY C 38 -2.80 18.39 -5.42
C GLY C 38 -2.22 17.28 -4.56
N VAL C 39 -2.94 16.91 -3.50
CA VAL C 39 -2.47 15.86 -2.62
C VAL C 39 -3.11 14.53 -3.04
N TYR C 40 -4.44 14.53 -3.15
CA TYR C 40 -5.18 13.33 -3.54
C TYR C 40 -6.16 13.53 -4.71
N ALA C 41 -6.21 12.54 -5.58
CA ALA C 41 -7.13 12.57 -6.72
C ALA C 41 -7.98 11.31 -6.57
N LEU C 42 -9.26 11.38 -6.92
CA LEU C 42 -10.15 10.25 -6.79
C LEU C 42 -10.29 9.45 -8.08
N LYS C 43 -10.27 8.12 -7.93
CA LYS C 43 -10.42 7.20 -9.05
C LYS C 43 -11.36 6.10 -8.56
N VAL C 44 -12.50 5.94 -9.22
CA VAL C 44 -13.47 4.93 -8.83
C VAL C 44 -13.52 3.77 -9.82
N ILE C 45 -13.43 2.55 -9.31
CA ILE C 45 -13.48 1.36 -10.15
C ILE C 45 -14.70 0.52 -9.77
N ASP C 46 -15.65 0.42 -10.69
CA ASP C 46 -16.86 -0.36 -10.47
C ASP C 46 -16.59 -1.78 -10.93
N VAL C 47 -16.45 -2.72 -9.97
CA VAL C 47 -16.17 -4.11 -10.34
C VAL C 47 -17.34 -4.78 -11.06
N LEU C 48 -18.50 -4.15 -11.05
CA LEU C 48 -19.67 -4.70 -11.75
C LEU C 48 -19.49 -4.48 -13.24
N LYS C 49 -18.73 -3.44 -13.60
CA LYS C 49 -18.48 -3.12 -15.00
C LYS C 49 -17.12 -3.61 -15.45
N ASN C 50 -16.10 -3.39 -14.62
CA ASN C 50 -14.74 -3.78 -14.95
C ASN C 50 -14.08 -4.58 -13.83
N PRO C 51 -14.44 -5.85 -13.70
CA PRO C 51 -13.91 -6.76 -12.67
C PRO C 51 -12.42 -7.09 -12.75
N GLN C 52 -11.90 -7.30 -13.96
CA GLN C 52 -10.49 -7.65 -14.12
C GLN C 52 -9.50 -6.56 -13.76
N LEU C 53 -8.68 -6.83 -12.75
CA LEU C 53 -7.65 -5.89 -12.31
C LEU C 53 -6.51 -5.89 -13.32
N ALA C 54 -6.00 -4.71 -13.64
CA ALA C 54 -4.89 -4.59 -14.58
C ALA C 54 -3.62 -5.04 -13.86
N GLU C 55 -2.65 -5.52 -14.63
CA GLU C 55 -1.39 -6.02 -14.10
C GLU C 55 -0.77 -5.19 -12.98
N GLU C 56 -0.95 -3.88 -13.02
CA GLU C 56 -0.37 -3.01 -12.00
C GLU C 56 -1.33 -2.46 -10.96
N ASP C 57 -2.52 -3.08 -10.85
CA ASP C 57 -3.54 -2.65 -9.90
C ASP C 57 -3.64 -3.60 -8.71
N LYS C 58 -4.13 -3.12 -7.58
CA LYS C 58 -4.30 -3.97 -6.41
C LYS C 58 -5.37 -3.40 -5.47
N ILE C 59 -5.98 -4.28 -4.68
CA ILE C 59 -7.02 -3.87 -3.76
C ILE C 59 -6.68 -4.32 -2.34
N LEU C 60 -6.65 -3.36 -1.43
CA LEU C 60 -6.36 -3.65 -0.02
C LEU C 60 -7.67 -3.41 0.76
N ALA C 61 -7.85 -4.11 1.87
CA ALA C 61 -9.08 -3.94 2.65
C ALA C 61 -9.26 -2.48 3.05
N THR C 62 -10.50 -2.02 3.06
CA THR C 62 -10.79 -0.64 3.42
C THR C 62 -10.13 -0.23 4.75
N PRO C 63 -10.33 -1.03 5.81
CA PRO C 63 -9.71 -0.67 7.09
C PRO C 63 -8.19 -0.53 7.09
N THR C 64 -7.50 -1.17 6.15
CA THR C 64 -6.05 -1.07 6.11
C THR C 64 -5.53 0.29 5.67
N LEU C 65 -6.10 0.87 4.62
CA LEU C 65 -5.63 2.17 4.17
C LEU C 65 -6.45 3.33 4.72
N ALA C 66 -7.73 3.07 4.99
CA ALA C 66 -8.61 4.12 5.49
C ALA C 66 -8.03 4.85 6.69
N LYS C 67 -7.35 4.12 7.57
CA LYS C 67 -6.77 4.70 8.79
C LYS C 67 -5.86 5.89 8.58
N ILE C 68 -5.15 5.92 7.45
CA ILE C 68 -4.20 6.96 7.17
C ILE C 68 -4.73 8.17 6.40
N LEU C 69 -6.03 8.18 6.16
CA LEU C 69 -6.68 9.25 5.42
C LEU C 69 -7.28 10.29 6.36
N PRO C 70 -7.52 11.51 5.84
CA PRO C 70 -8.09 12.63 6.59
C PRO C 70 -9.49 12.32 7.10
N PRO C 71 -9.87 12.91 8.25
CA PRO C 71 -11.17 12.72 8.88
C PRO C 71 -12.38 12.79 7.94
N PRO C 72 -12.55 13.89 7.19
CA PRO C 72 -13.72 13.96 6.30
C PRO C 72 -13.74 12.83 5.24
N VAL C 73 -12.55 12.37 4.83
CA VAL C 73 -12.45 11.30 3.84
C VAL C 73 -12.79 9.94 4.47
N ARG C 74 -12.25 9.68 5.67
CA ARG C 74 -12.55 8.42 6.35
C ARG C 74 -14.05 8.31 6.58
N LYS C 75 -14.69 9.43 6.90
CA LYS C 75 -16.13 9.43 7.16
C LYS C 75 -16.89 8.93 5.94
N ILE C 76 -16.60 9.51 4.78
CA ILE C 76 -17.27 9.09 3.56
C ILE C 76 -16.94 7.65 3.19
N ILE C 77 -15.68 7.25 3.34
CA ILE C 77 -15.29 5.89 3.03
C ILE C 77 -15.99 4.96 4.01
N GLY C 78 -16.18 5.41 5.24
CA GLY C 78 -16.88 4.61 6.23
C GLY C 78 -18.32 4.40 5.80
N ASP C 79 -18.95 5.48 5.32
CA ASP C 79 -20.33 5.41 4.85
C ASP C 79 -20.47 4.44 3.69
N LEU C 80 -19.52 4.49 2.76
CA LEU C 80 -19.53 3.62 1.59
C LEU C 80 -19.26 2.16 1.95
N SER C 81 -18.42 1.95 2.95
CA SER C 81 -18.06 0.60 3.36
C SER C 81 -19.08 -0.09 4.27
N ASP C 82 -19.41 0.56 5.38
CA ASP C 82 -20.30 -0.04 6.37
C ASP C 82 -21.76 0.40 6.41
N ARG C 83 -22.12 1.43 5.66
CA ARG C 83 -23.50 1.88 5.61
C ARG C 83 -24.10 1.43 4.28
N GLU C 84 -23.56 1.91 3.17
CA GLU C 84 -24.06 1.53 1.84
C GLU C 84 -23.66 0.11 1.42
N LYS C 85 -22.50 -0.36 1.90
CA LYS C 85 -22.05 -1.72 1.57
C LYS C 85 -21.64 -1.89 0.11
N VAL C 86 -21.15 -0.82 -0.52
CA VAL C 86 -20.72 -0.89 -1.91
C VAL C 86 -19.20 -0.92 -2.03
N LEU C 87 -18.50 -0.51 -0.98
CA LEU C 87 -17.04 -0.47 -1.04
C LEU C 87 -16.35 -1.79 -0.75
N ILE C 88 -15.60 -2.28 -1.74
CA ILE C 88 -14.88 -3.55 -1.60
C ILE C 88 -13.51 -3.32 -1.01
N GLY C 89 -12.83 -2.28 -1.50
CA GLY C 89 -11.50 -1.98 -0.99
C GLY C 89 -10.91 -0.74 -1.64
N LEU C 90 -9.64 -0.49 -1.38
CA LEU C 90 -9.00 0.67 -1.97
C LEU C 90 -7.51 0.55 -2.17
N ASP C 91 -6.94 1.55 -2.81
CA ASP C 91 -5.50 1.59 -3.02
C ASP C 91 -5.13 3.07 -2.97
N LEU C 92 -3.84 3.33 -2.76
CA LEU C 92 -3.32 4.69 -2.69
C LEU C 92 -1.97 4.64 -3.38
N LEU C 93 -1.90 5.22 -4.58
CA LEU C 93 -0.67 5.20 -5.36
C LEU C 93 -0.27 6.56 -5.91
N TYR C 94 1.03 6.81 -6.00
CA TYR C 94 1.49 8.05 -6.57
C TYR C 94 1.43 7.78 -8.07
N ASP C 95 0.93 8.73 -8.83
CA ASP C 95 0.82 8.53 -10.27
C ASP C 95 0.55 9.83 -11.00
N GLU C 96 0.74 9.81 -12.32
CA GLU C 96 0.52 10.98 -13.16
C GLU C 96 -0.90 10.94 -13.71
N ILE C 97 -1.63 12.04 -13.58
CA ILE C 97 -2.99 12.12 -14.05
C ILE C 97 -3.19 13.44 -14.77
N ARG C 98 -4.28 13.56 -15.52
CA ARG C 98 -4.56 14.79 -16.24
C ARG C 98 -5.65 15.59 -15.52
N MET D 1 18.78 -22.38 2.59
CA MET D 1 18.28 -21.09 2.03
C MET D 1 17.21 -20.52 2.96
N SER D 2 16.17 -21.31 3.20
CA SER D 2 15.07 -20.91 4.06
C SER D 2 14.13 -22.08 4.30
N PRO D 3 13.09 -21.90 5.16
CA PRO D 3 12.09 -22.90 5.53
C PRO D 3 11.92 -24.13 4.62
N PHE D 4 11.32 -25.17 5.20
CA PHE D 4 11.09 -26.43 4.49
C PHE D 4 9.69 -26.98 4.78
N LYS D 5 9.03 -27.48 3.74
CA LYS D 5 7.69 -28.06 3.83
C LYS D 5 6.61 -27.01 4.02
N LYS D 6 6.14 -26.45 2.92
CA LYS D 6 5.11 -25.42 2.96
C LYS D 6 3.77 -25.87 2.44
N THR D 7 2.73 -25.13 2.85
CA THR D 7 1.37 -25.38 2.40
C THR D 7 0.92 -24.05 1.82
N TYR D 8 0.14 -24.11 0.75
CA TYR D 8 -0.29 -22.88 0.14
C TYR D 8 -1.79 -22.64 0.20
N VAL D 9 -2.16 -21.37 0.13
CA VAL D 9 -3.55 -20.97 0.15
C VAL D 9 -3.79 -20.15 -1.10
N LEU D 10 -4.57 -20.71 -2.03
CA LEU D 10 -4.87 -20.02 -3.27
C LEU D 10 -6.22 -19.30 -3.09
N LYS D 11 -6.18 -17.98 -3.02
CA LYS D 11 -7.39 -17.19 -2.83
C LYS D 11 -7.86 -16.57 -4.14
N LEU D 12 -9.10 -16.85 -4.51
CA LEU D 12 -9.69 -16.31 -5.73
C LEU D 12 -10.83 -15.36 -5.37
N TYR D 13 -10.68 -14.09 -5.75
CA TYR D 13 -11.70 -13.07 -5.47
C TYR D 13 -12.56 -12.92 -6.71
N VAL D 14 -13.83 -13.24 -6.57
CA VAL D 14 -14.73 -13.17 -7.72
C VAL D 14 -15.86 -12.14 -7.62
N ALA D 15 -16.25 -11.64 -8.78
CA ALA D 15 -17.34 -10.68 -8.90
C ALA D 15 -18.58 -11.54 -9.17
N GLY D 16 -19.08 -12.20 -8.14
CA GLY D 16 -20.24 -13.03 -8.33
C GLY D 16 -19.87 -14.30 -9.09
N ASN D 17 -20.87 -14.91 -9.72
CA ASN D 17 -20.63 -16.14 -10.46
C ASN D 17 -21.56 -16.34 -11.64
N THR D 18 -21.28 -17.41 -12.39
CA THR D 18 -22.04 -17.80 -13.56
C THR D 18 -22.17 -19.31 -13.44
N PRO D 19 -23.18 -19.91 -14.11
CA PRO D 19 -23.35 -21.36 -14.03
C PRO D 19 -22.03 -22.10 -14.33
N ASN D 20 -21.19 -21.52 -15.18
CA ASN D 20 -19.93 -22.17 -15.50
C ASN D 20 -18.82 -21.92 -14.49
N SER D 21 -18.73 -20.69 -13.96
CA SER D 21 -17.67 -20.39 -13.00
C SER D 21 -17.83 -21.32 -11.79
N VAL D 22 -19.07 -21.68 -11.48
CA VAL D 22 -19.32 -22.57 -10.36
C VAL D 22 -18.78 -23.95 -10.70
N ARG D 23 -19.05 -24.40 -11.92
CA ARG D 23 -18.58 -25.70 -12.36
C ARG D 23 -17.05 -25.70 -12.40
N ALA D 24 -16.48 -24.68 -13.02
CA ALA D 24 -15.03 -24.55 -13.17
C ALA D 24 -14.31 -24.50 -11.83
N LEU D 25 -14.89 -23.82 -10.86
CA LEU D 25 -14.27 -23.72 -9.54
C LEU D 25 -14.34 -25.07 -8.85
N LYS D 26 -15.39 -25.84 -9.13
CA LYS D 26 -15.53 -27.17 -8.54
C LYS D 26 -14.40 -28.03 -9.10
N MET D 27 -14.13 -27.88 -10.39
CA MET D 27 -13.09 -28.63 -11.09
C MET D 27 -11.70 -28.29 -10.51
N LEU D 28 -11.44 -27.00 -10.30
CA LEU D 28 -10.16 -26.55 -9.75
C LEU D 28 -9.93 -27.14 -8.36
N LYS D 29 -10.97 -27.19 -7.55
CA LYS D 29 -10.86 -27.75 -6.21
C LYS D 29 -10.47 -29.22 -6.35
N ASN D 30 -11.13 -29.90 -7.26
CA ASN D 30 -10.89 -31.32 -7.52
C ASN D 30 -9.42 -31.54 -7.85
N ILE D 31 -8.93 -30.80 -8.84
CA ILE D 31 -7.54 -30.91 -9.28
C ILE D 31 -6.52 -30.63 -8.17
N LEU D 32 -6.69 -29.53 -7.44
CA LEU D 32 -5.76 -29.18 -6.37
C LEU D 32 -5.61 -30.32 -5.36
N GLU D 33 -6.74 -30.89 -4.93
CA GLU D 33 -6.71 -31.98 -3.96
C GLU D 33 -6.20 -33.29 -4.54
N GLN D 34 -6.50 -33.56 -5.81
CA GLN D 34 -6.08 -34.78 -6.47
C GLN D 34 -4.69 -34.67 -7.09
N GLU D 35 -4.65 -34.26 -8.35
CA GLU D 35 -3.41 -34.12 -9.11
C GLU D 35 -2.29 -33.45 -8.33
N PHE D 36 -2.64 -32.50 -7.46
CA PHE D 36 -1.64 -31.79 -6.68
C PHE D 36 -1.74 -32.05 -5.18
N GLN D 37 -2.01 -33.32 -4.87
CA GLN D 37 -2.13 -33.81 -3.50
C GLN D 37 -2.24 -32.78 -2.38
N GLY D 38 -3.36 -32.07 -2.34
CA GLY D 38 -3.59 -31.08 -1.30
C GLY D 38 -2.47 -30.11 -0.98
N VAL D 39 -1.62 -29.81 -1.96
CA VAL D 39 -0.52 -28.86 -1.75
C VAL D 39 -1.15 -27.51 -1.42
N TYR D 40 -2.00 -27.04 -2.34
CA TYR D 40 -2.68 -25.78 -2.17
C TYR D 40 -4.04 -25.99 -1.51
N ALA D 41 -4.58 -24.93 -0.92
CA ALA D 41 -5.91 -24.96 -0.32
C ALA D 41 -6.63 -23.88 -1.10
N LEU D 42 -7.86 -24.12 -1.52
CA LEU D 42 -8.59 -23.14 -2.29
C LEU D 42 -9.58 -22.33 -1.46
N LYS D 43 -9.59 -21.02 -1.69
CA LYS D 43 -10.50 -20.14 -0.99
C LYS D 43 -11.10 -19.20 -2.03
N VAL D 44 -12.41 -19.28 -2.20
CA VAL D 44 -13.11 -18.43 -3.15
C VAL D 44 -13.85 -17.33 -2.38
N ILE D 45 -13.58 -16.08 -2.73
CA ILE D 45 -14.22 -14.96 -2.08
C ILE D 45 -15.06 -14.16 -3.08
N ASP D 46 -16.37 -14.18 -2.90
CA ASP D 46 -17.30 -13.44 -3.78
C ASP D 46 -17.48 -12.08 -3.15
N VAL D 47 -16.77 -11.09 -3.68
CA VAL D 47 -16.82 -9.74 -3.12
C VAL D 47 -18.11 -8.98 -3.42
N LEU D 48 -18.97 -9.53 -4.29
CA LEU D 48 -20.23 -8.88 -4.60
C LEU D 48 -21.22 -9.23 -3.48
N LYS D 49 -21.10 -10.45 -2.97
CA LYS D 49 -21.96 -10.91 -1.89
C LYS D 49 -21.36 -10.46 -0.57
N ASN D 50 -20.03 -10.32 -0.55
CA ASN D 50 -19.29 -9.90 0.64
C ASN D 50 -18.19 -8.92 0.29
N PRO D 51 -18.54 -7.64 0.06
CA PRO D 51 -17.58 -6.59 -0.28
C PRO D 51 -16.57 -6.19 0.82
N GLN D 52 -16.98 -6.30 2.08
CA GLN D 52 -16.10 -5.93 3.18
C GLN D 52 -15.00 -6.97 3.38
N LEU D 53 -13.86 -6.70 2.76
CA LEU D 53 -12.71 -7.59 2.84
C LEU D 53 -12.13 -7.66 4.24
N ALA D 54 -11.59 -8.83 4.56
CA ALA D 54 -10.95 -9.04 5.86
C ALA D 54 -9.75 -8.12 5.89
N GLU D 55 -9.40 -7.68 7.10
CA GLU D 55 -8.30 -6.77 7.31
C GLU D 55 -6.97 -7.29 6.74
N GLU D 56 -6.86 -8.60 6.58
CA GLU D 56 -5.64 -9.18 6.04
C GLU D 56 -5.71 -9.58 4.56
N ASP D 57 -6.83 -9.26 3.92
CA ASP D 57 -7.00 -9.60 2.52
C ASP D 57 -6.37 -8.59 1.59
N LYS D 58 -5.84 -9.07 0.48
CA LYS D 58 -5.27 -8.22 -0.55
C LYS D 58 -5.58 -8.93 -1.87
N ILE D 59 -5.93 -8.14 -2.88
CA ILE D 59 -6.24 -8.72 -4.17
C ILE D 59 -5.20 -8.24 -5.19
N LEU D 60 -4.45 -9.18 -5.74
CA LEU D 60 -3.42 -8.86 -6.72
C LEU D 60 -3.91 -9.21 -8.12
N ALA D 61 -3.29 -8.61 -9.14
CA ALA D 61 -3.71 -8.88 -10.51
C ALA D 61 -3.39 -10.33 -10.90
N THR D 62 -4.35 -10.95 -11.57
CA THR D 62 -4.20 -12.34 -12.01
C THR D 62 -2.90 -12.59 -12.79
N PRO D 63 -2.59 -11.75 -13.78
CA PRO D 63 -1.36 -11.94 -14.57
C PRO D 63 -0.08 -12.01 -13.74
N THR D 64 0.10 -11.09 -12.81
CA THR D 64 1.31 -11.08 -11.98
C THR D 64 1.55 -12.38 -11.22
N LEU D 65 0.48 -12.98 -10.67
CA LEU D 65 0.60 -14.21 -9.89
C LEU D 65 0.35 -15.53 -10.61
N ALA D 66 -0.63 -15.56 -11.51
CA ALA D 66 -0.96 -16.79 -12.21
C ALA D 66 0.26 -17.54 -12.75
N LYS D 67 1.19 -16.82 -13.35
CA LYS D 67 2.39 -17.42 -13.95
C LYS D 67 3.19 -18.41 -13.10
N ILE D 68 3.09 -18.32 -11.78
CA ILE D 68 3.84 -19.25 -10.95
C ILE D 68 3.02 -20.44 -10.45
N LEU D 69 1.80 -20.58 -10.96
CA LEU D 69 0.93 -21.69 -10.55
C LEU D 69 0.98 -22.86 -11.52
N PRO D 70 0.56 -24.05 -11.08
CA PRO D 70 0.55 -25.24 -11.93
C PRO D 70 -0.19 -24.97 -13.25
N PRO D 71 0.33 -25.52 -14.36
CA PRO D 71 -0.27 -25.34 -15.68
C PRO D 71 -1.79 -25.47 -15.75
N PRO D 72 -2.35 -26.58 -15.22
CA PRO D 72 -3.80 -26.75 -15.28
C PRO D 72 -4.55 -25.66 -14.50
N VAL D 73 -3.92 -25.16 -13.44
CA VAL D 73 -4.54 -24.11 -12.62
C VAL D 73 -4.58 -22.80 -13.40
N ARG D 74 -3.47 -22.48 -14.08
CA ARG D 74 -3.38 -21.27 -14.88
C ARG D 74 -4.47 -21.28 -15.94
N LYS D 75 -4.79 -22.47 -16.42
CA LYS D 75 -5.80 -22.66 -17.45
C LYS D 75 -7.19 -22.28 -16.93
N ILE D 76 -7.61 -22.88 -15.82
CA ILE D 76 -8.91 -22.56 -15.24
C ILE D 76 -8.99 -21.08 -14.86
N ILE D 77 -8.00 -20.60 -14.11
CA ILE D 77 -7.97 -19.20 -13.71
C ILE D 77 -8.15 -18.30 -14.94
N GLY D 78 -7.59 -18.73 -16.07
CA GLY D 78 -7.73 -17.97 -17.30
C GLY D 78 -9.18 -17.93 -17.78
N ASP D 79 -9.88 -19.06 -17.66
CA ASP D 79 -11.27 -19.13 -18.08
C ASP D 79 -12.17 -18.25 -17.22
N LEU D 80 -11.89 -18.22 -15.92
CA LEU D 80 -12.67 -17.42 -14.98
C LEU D 80 -12.44 -15.93 -15.21
N SER D 81 -11.25 -15.60 -15.68
CA SER D 81 -10.87 -14.22 -15.93
C SER D 81 -11.30 -13.70 -17.30
N ASP D 82 -10.98 -14.45 -18.35
CA ASP D 82 -11.29 -14.02 -19.71
C ASP D 82 -12.61 -14.50 -20.31
N ARG D 83 -13.13 -15.62 -19.84
CA ARG D 83 -14.38 -16.14 -20.38
C ARG D 83 -15.57 -15.79 -19.50
N GLU D 84 -15.53 -16.23 -18.24
CA GLU D 84 -16.62 -15.96 -17.31
C GLU D 84 -16.71 -14.49 -16.89
N LYS D 85 -15.56 -13.81 -16.86
CA LYS D 85 -15.50 -12.40 -16.48
C LYS D 85 -15.83 -12.18 -14.99
N VAL D 86 -15.58 -13.17 -14.15
CA VAL D 86 -15.88 -13.06 -12.73
C VAL D 86 -14.63 -12.89 -11.86
N LEU D 87 -13.48 -13.30 -12.38
CA LEU D 87 -12.24 -13.22 -11.61
C LEU D 87 -11.66 -11.81 -11.58
N ILE D 88 -11.69 -11.20 -10.39
CA ILE D 88 -11.16 -9.85 -10.21
C ILE D 88 -9.64 -9.92 -10.05
N GLY D 89 -9.22 -10.82 -9.18
CA GLY D 89 -7.80 -11.00 -8.90
C GLY D 89 -7.63 -12.18 -7.98
N LEU D 90 -6.41 -12.35 -7.48
CA LEU D 90 -6.08 -13.46 -6.59
C LEU D 90 -4.95 -13.13 -5.65
N ASP D 91 -4.67 -14.07 -4.76
CA ASP D 91 -3.58 -13.93 -3.82
C ASP D 91 -3.14 -15.32 -3.47
N LEU D 92 -1.86 -15.46 -3.16
CA LEU D 92 -1.31 -16.75 -2.78
C LEU D 92 -0.56 -16.52 -1.50
N LEU D 93 -0.95 -17.24 -0.46
CA LEU D 93 -0.29 -17.11 0.82
C LEU D 93 0.30 -18.47 1.11
N TYR D 94 1.22 -18.54 2.05
CA TYR D 94 1.80 -19.82 2.38
C TYR D 94 2.20 -19.77 3.83
N ASP D 95 2.48 -20.94 4.37
CA ASP D 95 2.90 -21.04 5.75
C ASP D 95 3.76 -22.28 5.84
N GLU D 96 4.50 -22.41 6.94
CA GLU D 96 5.37 -23.54 7.13
C GLU D 96 4.69 -24.62 7.97
N ILE D 97 4.90 -25.87 7.57
CA ILE D 97 4.33 -27.01 8.28
C ILE D 97 5.41 -27.59 9.18
N ARG D 98 6.58 -27.85 8.60
CA ARG D 98 7.71 -28.40 9.35
C ARG D 98 8.89 -28.66 8.41
C1 MLT E . 17.55 9.06 -3.08
O1 MLT E . 17.62 8.24 -4.10
O2 MLT E . 16.59 9.95 -3.13
C2 MLT E . 18.46 9.03 -1.92
O3 MLT E . 19.42 8.00 -2.06
C3 MLT E . 19.23 10.35 -1.75
C4 MLT E . 19.88 10.49 -0.40
O4 MLT E . 19.20 10.31 0.74
O5 MLT E . 21.17 10.79 -0.29
N BET F . 12.02 -23.50 -4.13
CA BET F . 10.77 -23.16 -4.73
C BET F . 9.69 -24.26 -4.88
O BET F . 9.57 -24.86 -5.97
OXT BET F . 8.95 -24.55 -3.90
C1 BET F . 11.87 -23.85 -2.81
C2 BET F . 12.60 -24.56 -4.81
C3 BET F . 12.85 -22.43 -4.23
C1 MLT G . 25.32 16.50 12.76
O1 MLT G . 24.71 16.05 13.87
O2 MLT G . 25.04 15.86 11.63
C2 MLT G . 26.30 17.64 12.68
O3 MLT G . 26.54 18.26 13.93
C3 MLT G . 27.65 17.16 12.12
C4 MLT G . 28.57 18.22 11.60
O4 MLT G . 28.15 19.43 11.26
O5 MLT G . 29.84 18.00 11.49
C1 MLT H . 15.72 16.53 15.43
O1 MLT H . 15.56 16.59 16.74
O2 MLT H . 16.45 15.52 15.02
C2 MLT H . 15.14 17.50 14.42
O3 MLT H . 14.39 18.51 15.08
C3 MLT H . 16.20 18.23 13.59
C4 MLT H . 16.08 18.13 12.08
O4 MLT H . 15.12 18.69 11.39
O5 MLT H . 16.94 17.47 11.39
C1 MLT I . 0.57 42.84 6.65
O1 MLT I . 0.41 43.63 7.69
O2 MLT I . -0.52 42.34 6.15
C2 MLT I . 1.90 42.50 6.00
O3 MLT I . 3.03 43.11 6.63
C3 MLT I . 2.09 40.99 6.02
C4 MLT I . 3.01 40.45 4.94
O4 MLT I . 2.86 40.73 3.65
O5 MLT I . 4.00 39.67 5.26
C1 MLT J . -5.36 13.44 9.10
O1 MLT J . -5.62 14.49 8.39
O2 MLT J . -5.49 13.57 10.40
C2 MLT J . -4.94 12.13 8.54
O3 MLT J . -4.82 12.13 7.14
C3 MLT J . -3.62 11.68 9.14
C4 MLT J . -3.83 10.64 10.21
O4 MLT J . -4.59 9.59 10.01
O5 MLT J . -3.23 10.76 11.37
N1 IMD K . -3.50 24.63 -0.62
C2 IMD K . -3.80 23.39 -0.28
N3 IMD K . -4.62 23.42 0.83
C4 IMD K . -4.81 24.74 1.17
C5 IMD K . -4.13 25.52 0.28
N1 IMD L . 17.67 26.82 1.33
C2 IMD L . 18.22 25.73 0.84
N3 IMD L . 17.27 24.99 0.19
C4 IMD L . 16.10 25.65 0.29
C5 IMD L . 16.30 26.79 0.98
N BET M . -0.01 37.81 8.18
CA BET M . 1.41 38.01 8.14
C BET M . 2.10 38.63 9.40
O BET M . 3.02 37.97 9.95
OXT BET M . 1.76 39.75 9.82
C1 BET M . -0.44 37.28 9.38
C2 BET M . -0.67 39.00 7.97
C3 BET M . -0.33 36.96 7.16
N BET N . -0.11 26.61 -3.70
CA BET N . -0.75 27.48 -2.77
C BET N . -0.44 27.25 -1.25
O BET N . 0.30 28.06 -0.66
OXT BET N . -0.96 26.28 -0.65
C1 BET N . 1.24 26.48 -3.45
C2 BET N . -0.70 25.36 -3.68
C3 BET N . -0.30 27.13 -4.95
C1 MLT O . -8.91 -1.97 -12.78
O1 MLT O . -9.75 -3.00 -12.83
O2 MLT O . -8.23 -1.80 -11.66
C2 MLT O . -8.70 -1.00 -13.89
O3 MLT O . -9.50 -1.35 -15.00
C3 MLT O . -9.13 0.39 -13.46
C4 MLT O . -8.06 1.45 -13.45
O4 MLT O . -8.03 2.39 -14.39
O5 MLT O . -7.15 1.50 -12.49
C1 MLT P . -15.72 5.54 -13.24
O1 MLT P . -16.43 6.64 -13.11
O2 MLT P . -14.63 5.65 -13.99
C2 MLT P . -16.03 4.20 -12.59
O3 MLT P . -17.23 4.28 -11.82
C3 MLT P . -16.27 3.09 -13.65
C4 MLT P . -15.22 1.99 -13.65
O4 MLT P . -13.95 2.24 -13.87
O5 MLT P . -15.51 0.77 -13.44
N BET Q . -30.56 2.52 -1.43
CA BET Q . -30.55 1.29 -0.71
C BET Q . -29.60 0.16 -1.20
O BET Q . -28.40 0.17 -0.86
OXT BET Q . -30.07 -0.78 -1.91
C1 BET Q . -29.32 3.13 -1.42
C2 BET Q . -30.95 2.33 -2.74
C3 BET Q . -31.47 3.34 -0.83
C1 MLT R . -15.61 -7.91 -18.89
O1 MLT R . -15.09 -8.54 -19.92
O2 MLT R . -14.81 -7.77 -17.86
C2 MLT R . -17.00 -7.33 -18.82
O3 MLT R . -17.74 -7.56 -20.04
C3 MLT R . -17.82 -7.91 -17.67
C4 MLT R . -19.22 -7.35 -17.56
O4 MLT R . -19.46 -6.07 -17.47
O5 MLT R . -20.25 -8.13 -17.55
N1 IMD S . -19.19 -17.08 -1.10
C2 IMD S . -18.08 -16.61 -0.57
N3 IMD S . -17.14 -17.60 -0.52
C4 IMD S . -17.70 -18.73 -1.04
C5 IMD S . -18.98 -18.44 -1.41
N BET T . 5.04 -21.85 -6.18
CA BET T . 4.63 -23.02 -6.86
C BET T . 5.00 -24.40 -6.22
O BET T . 4.10 -25.08 -5.68
OXT BET T . 6.19 -24.79 -6.24
C1 BET T . 4.81 -21.91 -4.82
C2 BET T . 6.37 -21.61 -6.41
C3 BET T . 4.32 -20.80 -6.70
#